data_3LQS
#
_entry.id   3LQS
#
_cell.length_a   77.011
_cell.length_b   90.728
_cell.length_c   88.893
_cell.angle_alpha   90.00
_cell.angle_beta   90.00
_cell.angle_gamma   90.00
#
_symmetry.space_group_name_H-M   'P 21 21 21'
#
loop_
_entity.id
_entity.type
_entity.pdbx_description
1 polymer 'D-alanine aminotransferase'
2 non-polymer '4-[({3-HYDROXY-2-METHYL-5-[(PHOSPHONOOXY)METHYL]PYRIDIN-4-YL}METHYL)AMINO]THIOPHENE-2-CARBOXYLIC ACID'
3 non-polymer 'ACETIC ACID'
4 water water
#
_entity_poly.entity_id   1
_entity_poly.type   'polypeptide(L)'
_entity_poly.pdbx_seq_one_letter_code
;GYTLWNDQIVKDEEVKIDKEDRGYQFGDGVYEVVKVYNGEMFTVNEHIDRLYASAEKIRITIPYTKDKFHQLLHELVEKN
ELNTGHIYFQVTRGTSPRAHQFPENTVKPVIIGYTKENPRPLENLEKGVKATFVEDIRWLRCDIKSLNLLGAVLAKQEAH
EKGCYEAILHRNNTVTEGSSSNVFGIKDGILYTHPANNMILKGITRDVVIACANEINMPVKEIPFTTHEALKMDELFVTS
TTSEITPVIEIDGKLIRDGKVGEWTRKLQKQFETKIPKPL
;
_entity_poly.pdbx_strand_id   A,B
#
# COMPACT_ATOMS: atom_id res chain seq x y z
N GLY A 1 13.29 7.33 24.72
CA GLY A 1 13.19 8.51 23.81
C GLY A 1 11.80 9.12 23.85
N TYR A 2 11.64 10.15 23.03
CA TYR A 2 10.40 10.89 22.88
C TYR A 2 9.92 10.80 21.43
N THR A 3 8.60 10.79 21.27
CA THR A 3 7.94 10.69 19.99
C THR A 3 7.05 11.90 19.86
N LEU A 4 7.02 12.48 18.67
CA LEU A 4 6.03 13.48 18.32
C LEU A 4 4.70 12.79 18.05
N TRP A 5 3.65 13.21 18.74
CA TRP A 5 2.31 12.62 18.55
C TRP A 5 1.38 13.78 18.41
N ASN A 6 0.90 13.98 17.19
CA ASN A 6 0.14 15.17 16.85
C ASN A 6 1.01 16.40 17.13
N ASP A 7 0.66 17.26 18.10
CA ASP A 7 1.51 18.38 18.43
C ASP A 7 2.14 18.27 19.83
N GLN A 8 2.07 17.08 20.41
CA GLN A 8 2.68 16.82 21.69
C GLN A 8 3.97 16.03 21.56
N ILE A 9 4.89 16.26 22.52
CA ILE A 9 6.11 15.49 22.63
C ILE A 9 5.95 14.56 23.83
N VAL A 10 5.92 13.25 23.58
CA VAL A 10 5.52 12.28 24.60
C VAL A 10 6.57 11.18 24.73
N LYS A 11 6.64 10.54 25.90
CA LYS A 11 7.56 9.42 26.07
C LYS A 11 7.07 8.35 25.14
N ASP A 12 8.00 7.66 24.48
CA ASP A 12 7.73 6.61 23.48
C ASP A 12 6.66 5.63 23.90
N GLU A 13 6.74 5.16 25.15
CA GLU A 13 5.80 4.16 25.63
C GLU A 13 4.35 4.66 25.81
N GLU A 14 4.11 5.98 25.76
CA GLU A 14 2.74 6.48 25.89
CA GLU A 14 2.76 6.54 25.89
C GLU A 14 1.98 6.42 24.57
N VAL A 15 2.71 6.30 23.45
CA VAL A 15 2.10 6.35 22.12
C VAL A 15 1.34 5.07 21.78
N LYS A 16 0.06 5.21 21.50
CA LYS A 16 -0.76 4.06 21.08
C LYS A 16 -1.46 4.35 19.74
N ILE A 17 -1.41 3.40 18.82
CA ILE A 17 -2.06 3.53 17.52
C ILE A 17 -3.40 2.80 17.60
N ASP A 18 -4.45 3.38 17.02
CA ASP A 18 -5.76 2.75 16.97
C ASP A 18 -5.80 1.73 15.85
N LYS A 19 -6.48 0.61 16.10
CA LYS A 19 -6.65 -0.41 15.06
C LYS A 19 -7.36 0.09 13.80
N GLU A 20 -8.12 1.18 13.93
CA GLU A 20 -8.87 1.70 12.77
C GLU A 20 -8.26 3.02 12.29
N ASP A 21 -7.01 3.26 12.70
CA ASP A 21 -6.22 4.31 12.07
C ASP A 21 -6.14 3.90 10.60
N ARG A 22 -6.52 4.80 9.68
CA ARG A 22 -6.50 4.46 8.26
C ARG A 22 -5.07 4.20 7.72
N GLY A 23 -4.05 4.72 8.38
CA GLY A 23 -2.68 4.29 8.05
C GLY A 23 -2.47 2.78 8.28
N TYR A 24 -3.13 2.21 9.30
CA TYR A 24 -2.96 0.78 9.62
C TYR A 24 -3.83 -0.13 8.73
N GLN A 25 -5.01 0.33 8.35
CA GLN A 25 -5.92 -0.49 7.56
C GLN A 25 -5.81 -0.33 6.03
N PHE A 26 -5.31 0.82 5.57
CA PHE A 26 -5.26 1.09 4.14
C PHE A 26 -3.90 1.63 3.67
N GLY A 27 -2.98 1.89 4.61
CA GLY A 27 -1.75 2.61 4.24
C GLY A 27 -2.07 4.01 3.80
N ASP A 28 -3.13 4.59 4.38
CA ASP A 28 -3.69 5.84 3.88
C ASP A 28 -2.95 6.99 4.58
N GLY A 29 -1.77 7.31 4.06
CA GLY A 29 -0.93 8.31 4.69
C GLY A 29 0.34 8.53 3.90
N VAL A 30 1.08 9.55 4.32
CA VAL A 30 2.31 9.95 3.65
C VAL A 30 3.42 10.10 4.70
N TYR A 31 4.68 10.13 4.26
CA TYR A 31 5.77 10.26 5.25
C TYR A 31 6.98 10.90 4.64
N GLU A 32 7.90 11.30 5.51
CA GLU A 32 9.21 11.82 5.13
C GLU A 32 10.30 11.28 6.04
N VAL A 33 11.52 11.37 5.58
CA VAL A 33 12.70 11.06 6.37
C VAL A 33 13.66 12.25 6.16
N VAL A 34 14.16 12.84 7.25
CA VAL A 34 15.09 13.97 7.14
C VAL A 34 16.38 13.57 7.87
N LYS A 35 17.51 13.78 7.23
CA LYS A 35 18.81 13.49 7.83
C LYS A 35 19.21 14.68 8.71
N VAL A 36 19.80 14.36 9.86
CA VAL A 36 20.32 15.33 10.78
C VAL A 36 21.84 15.06 10.88
N TYR A 37 22.63 16.11 10.71
CA TYR A 37 24.08 16.02 10.77
C TYR A 37 24.56 16.95 11.87
N ASN A 38 25.30 16.40 12.82
CA ASN A 38 25.76 17.15 14.02
C ASN A 38 24.70 18.10 14.57
N GLY A 39 23.48 17.57 14.79
CA GLY A 39 22.40 18.36 15.39
C GLY A 39 21.62 19.26 14.45
N GLU A 40 22.04 19.36 13.19
CA GLU A 40 21.33 20.23 12.24
C GLU A 40 20.59 19.43 11.18
N MET A 41 19.33 19.78 10.95
CA MET A 41 18.51 19.13 9.90
C MET A 41 18.92 19.61 8.51
N PHE A 42 19.17 18.66 7.63
CA PHE A 42 19.56 18.96 6.27
C PHE A 42 18.31 19.06 5.37
N THR A 43 18.22 20.13 4.59
CA THR A 43 17.11 20.38 3.63
C THR A 43 15.72 20.13 4.24
N VAL A 44 15.55 20.56 5.48
CA VAL A 44 14.29 20.33 6.18
C VAL A 44 13.13 21.04 5.47
N ASN A 45 13.37 22.25 4.93
CA ASN A 45 12.29 22.97 4.24
C ASN A 45 11.77 22.20 3.05
N GLU A 46 12.68 21.64 2.26
CA GLU A 46 12.29 20.85 1.10
C GLU A 46 11.47 19.60 1.45
N HIS A 47 11.88 18.93 2.52
CA HIS A 47 11.12 17.75 2.99
C HIS A 47 9.73 18.11 3.51
N ILE A 48 9.65 19.20 4.28
CA ILE A 48 8.33 19.65 4.74
C ILE A 48 7.43 20.01 3.55
N ASP A 49 7.97 20.71 2.55
CA ASP A 49 7.21 21.05 1.35
C ASP A 49 6.70 19.78 0.66
N ARG A 50 7.58 18.80 0.52
CA ARG A 50 7.15 17.53 -0.09
C ARG A 50 6.10 16.73 0.74
N LEU A 51 6.22 16.69 2.05
CA LEU A 51 5.17 16.12 2.90
C LEU A 51 3.82 16.74 2.62
N TYR A 52 3.76 18.07 2.60
CA TYR A 52 2.49 18.76 2.35
C TYR A 52 2.00 18.53 0.93
N ALA A 53 2.91 18.43 -0.03
CA ALA A 53 2.55 18.15 -1.43
C ALA A 53 1.98 16.71 -1.56
N SER A 54 2.63 15.74 -0.88
CA SER A 54 2.19 14.35 -0.88
C SER A 54 0.79 14.30 -0.27
N ALA A 55 0.63 14.96 0.89
CA ALA A 55 -0.66 15.00 1.57
C ALA A 55 -1.74 15.56 0.66
N GLU A 56 -1.43 16.68 -0.02
CA GLU A 56 -2.40 17.35 -0.87
C GLU A 56 -2.82 16.46 -2.06
N LYS A 57 -1.87 15.68 -2.58
CA LYS A 57 -2.12 14.75 -3.68
C LYS A 57 -3.18 13.67 -3.37
N ILE A 58 -3.33 13.35 -2.08
CA ILE A 58 -4.35 12.38 -1.62
C ILE A 58 -5.41 13.04 -0.72
N ARG A 59 -5.44 14.37 -0.77
CA ARG A 59 -6.43 15.22 -0.12
C ARG A 59 -6.50 15.05 1.41
N ILE A 60 -5.32 14.90 2.01
CA ILE A 60 -5.22 14.98 3.45
C ILE A 60 -4.85 16.43 3.78
N THR A 61 -5.57 17.04 4.72
CA THR A 61 -5.26 18.40 5.15
C THR A 61 -4.49 18.32 6.46
N ILE A 62 -3.21 18.69 6.42
CA ILE A 62 -2.43 18.68 7.65
C ILE A 62 -2.94 19.89 8.46
N PRO A 63 -3.28 19.67 9.75
CA PRO A 63 -3.94 20.72 10.55
C PRO A 63 -3.02 21.83 11.09
N TYR A 64 -1.71 21.72 10.88
CA TYR A 64 -0.76 22.73 11.36
C TYR A 64 -0.12 23.45 10.19
N THR A 65 0.30 24.69 10.40
CA THR A 65 1.08 25.39 9.36
C THR A 65 2.47 24.76 9.23
N LYS A 66 3.15 25.06 8.12
CA LYS A 66 4.52 24.55 7.91
C LYS A 66 5.48 25.08 8.98
N ASP A 67 5.27 26.32 9.44
CA ASP A 67 6.10 26.92 10.50
C ASP A 67 5.98 26.17 11.83
N LYS A 68 4.75 25.80 12.19
CA LYS A 68 4.51 25.03 13.40
C LYS A 68 5.09 23.60 13.24
N PHE A 69 4.89 22.96 12.08
CA PHE A 69 5.51 21.66 11.83
C PHE A 69 7.03 21.77 12.00
N HIS A 70 7.61 22.82 11.44
CA HIS A 70 9.06 22.98 11.56
C HIS A 70 9.47 23.06 13.02
N GLN A 71 8.73 23.82 13.82
CA GLN A 71 9.03 24.01 15.23
CA GLN A 71 9.12 23.99 15.20
C GLN A 71 8.98 22.70 16.00
N LEU A 72 7.95 21.90 15.69
CA LEU A 72 7.81 20.59 16.31
C LEU A 72 9.00 19.68 16.04
N LEU A 73 9.47 19.65 14.79
CA LEU A 73 10.63 18.83 14.44
C LEU A 73 11.87 19.29 15.23
N HIS A 74 12.05 20.61 15.31
CA HIS A 74 13.15 21.20 16.09
CA HIS A 74 13.17 21.17 16.07
C HIS A 74 13.09 20.73 17.54
N GLU A 75 11.90 20.83 18.14
CA GLU A 75 11.68 20.37 19.52
C GLU A 75 11.94 18.88 19.67
N LEU A 76 11.53 18.09 18.68
CA LEU A 76 11.78 16.63 18.72
C LEU A 76 13.28 16.26 18.67
N VAL A 77 14.02 16.94 17.80
CA VAL A 77 15.47 16.75 17.70
C VAL A 77 16.16 17.11 19.04
N GLU A 78 15.78 18.26 19.62
CA GLU A 78 16.39 18.73 20.86
CA GLU A 78 16.33 18.77 20.89
C GLU A 78 16.11 17.80 22.05
N LYS A 79 14.86 17.38 22.21
CA LYS A 79 14.44 16.48 23.32
C LYS A 79 15.16 15.13 23.29
N ASN A 80 15.37 14.59 22.09
CA ASN A 80 16.06 13.33 21.90
C ASN A 80 17.58 13.43 21.85
N GLU A 81 18.09 14.66 21.84
CA GLU A 81 19.52 14.97 21.74
C GLU A 81 20.16 14.28 20.54
N LEU A 82 19.44 14.26 19.42
CA LEU A 82 19.90 13.61 18.19
C LEU A 82 21.09 14.39 17.63
N ASN A 83 22.18 13.69 17.37
CA ASN A 83 23.36 14.28 16.76
C ASN A 83 23.42 14.01 15.26
N THR A 84 23.72 12.77 14.90
CA THR A 84 23.74 12.32 13.51
C THR A 84 22.83 11.09 13.30
N GLY A 85 21.83 11.27 12.44
CA GLY A 85 20.84 10.22 12.21
C GLY A 85 19.70 10.81 11.41
N HIS A 86 18.46 10.43 11.72
CA HIS A 86 17.34 10.95 10.93
C HIS A 86 16.07 11.08 11.75
N ILE A 87 15.16 11.90 11.24
CA ILE A 87 13.83 12.01 11.81
C ILE A 87 12.92 11.32 10.85
N TYR A 88 12.07 10.44 11.36
CA TYR A 88 11.02 9.86 10.53
C TYR A 88 9.70 10.49 10.98
N PHE A 89 8.87 10.92 10.03
CA PHE A 89 7.53 11.45 10.38
C PHE A 89 6.49 11.09 9.35
N GLN A 90 5.27 10.81 9.82
CA GLN A 90 4.22 10.44 8.90
C GLN A 90 2.90 11.06 9.33
N VAL A 91 2.00 11.17 8.35
CA VAL A 91 0.67 11.71 8.60
C VAL A 91 -0.31 10.71 7.98
N THR A 92 -1.33 10.29 8.73
CA THR A 92 -2.36 9.44 8.14
C THR A 92 -3.67 10.21 8.15
N ARG A 93 -4.69 9.71 7.41
CA ARG A 93 -5.94 10.47 7.30
C ARG A 93 -6.68 10.51 8.64
N GLY A 94 -6.37 9.57 9.52
CA GLY A 94 -6.96 9.60 10.87
C GLY A 94 -7.68 8.31 11.17
N THR A 95 -8.42 8.31 12.27
CA THR A 95 -9.08 7.08 12.75
C THR A 95 -10.56 7.22 12.54
N SER A 96 -11.15 6.20 11.95
CA SER A 96 -12.55 6.24 11.66
C SER A 96 -13.03 4.79 11.40
N PRO A 97 -14.31 4.47 11.70
CA PRO A 97 -14.82 3.13 11.36
C PRO A 97 -14.46 2.74 9.93
N ARG A 98 -13.97 1.53 9.74
CA ARG A 98 -13.39 1.15 8.46
C ARG A 98 -14.36 1.29 7.30
N ALA A 99 -13.96 2.09 6.30
CA ALA A 99 -14.68 2.20 5.02
C ALA A 99 -13.66 2.74 4.04
N HIS A 100 -13.72 2.37 2.74
CA HIS A 100 -12.73 2.83 1.76
C HIS A 100 -12.79 4.34 1.52
N GLN A 101 -14.00 4.87 1.31
CA GLN A 101 -14.20 6.30 1.03
C GLN A 101 -13.72 7.18 2.22
N PHE A 102 -13.46 8.47 1.97
CA PHE A 102 -12.93 9.35 3.01
C PHE A 102 -13.99 9.49 4.11
N PRO A 103 -13.57 9.66 5.38
CA PRO A 103 -14.50 9.93 6.45
C PRO A 103 -14.91 11.40 6.46
N GLU A 104 -15.80 11.75 7.38
CA GLU A 104 -16.17 13.15 7.54
C GLU A 104 -14.98 14.04 7.95
N ASN A 105 -14.93 15.26 7.41
CA ASN A 105 -13.82 16.22 7.66
C ASN A 105 -13.70 16.58 9.13
N THR A 106 -14.56 15.93 9.90
CA THR A 106 -14.52 15.93 11.33
C THR A 106 -13.37 15.04 11.88
N VAL A 107 -12.76 14.22 11.02
CA VAL A 107 -11.69 13.32 11.48
C VAL A 107 -10.33 14.01 11.36
N LYS A 108 -9.57 14.06 12.45
CA LYS A 108 -8.26 14.70 12.39
C LYS A 108 -7.14 13.70 12.04
N PRO A 109 -6.19 14.12 11.19
CA PRO A 109 -5.06 13.28 10.78
C PRO A 109 -4.28 12.88 12.01
N VAL A 110 -3.55 11.78 11.95
CA VAL A 110 -2.69 11.36 13.05
C VAL A 110 -1.24 11.58 12.58
N ILE A 111 -0.46 12.29 13.39
CA ILE A 111 0.92 12.63 13.03
C ILE A 111 1.82 11.88 14.02
N ILE A 112 2.80 11.13 13.49
CA ILE A 112 3.80 10.44 14.33
C ILE A 112 5.18 10.84 13.81
N GLY A 113 6.09 11.15 14.73
CA GLY A 113 7.47 11.46 14.38
C GLY A 113 8.42 10.95 15.43
N TYR A 114 9.57 10.45 15.00
CA TYR A 114 10.58 9.98 15.95
C TYR A 114 11.95 10.00 15.34
N THR A 115 12.97 9.85 16.18
CA THR A 115 14.36 9.97 15.75
C THR A 115 15.11 8.63 15.89
N LYS A 116 16.22 8.51 15.16
CA LYS A 116 17.11 7.39 15.26
C LYS A 116 18.51 7.91 14.99
N GLU A 117 19.47 7.55 15.86
CA GLU A 117 20.88 7.89 15.65
C GLU A 117 21.39 6.92 14.58
N ASN A 118 22.14 7.42 13.61
CA ASN A 118 22.51 6.61 12.45
C ASN A 118 23.61 7.33 11.69
N PRO A 119 24.84 6.77 11.78
CA PRO A 119 26.01 7.36 11.12
C PRO A 119 25.88 7.44 9.60
N ARG A 120 26.61 8.38 9.00
CA ARG A 120 26.80 8.37 7.55
C ARG A 120 27.41 7.02 7.14
N PRO A 121 26.96 6.46 5.99
CA PRO A 121 27.47 5.17 5.56
C PRO A 121 28.79 5.31 4.80
N LEU A 122 29.82 5.72 5.54
CA LEU A 122 31.10 6.11 4.99
C LEU A 122 31.74 5.00 4.16
N GLU A 123 31.62 3.74 4.61
CA GLU A 123 32.22 2.63 3.88
C GLU A 123 31.60 2.45 2.49
N ASN A 124 30.28 2.51 2.41
CA ASN A 124 29.57 2.47 1.12
C ASN A 124 29.94 3.61 0.19
N LEU A 125 30.06 4.81 0.74
CA LEU A 125 30.40 6.00 -0.05
C LEU A 125 31.78 5.83 -0.68
N GLU A 126 32.69 5.22 0.08
CA GLU A 126 34.06 5.03 -0.42
C GLU A 126 34.18 3.89 -1.42
N LYS A 127 33.60 2.74 -1.07
CA LYS A 127 33.88 1.53 -1.82
C LYS A 127 32.83 1.17 -2.86
N GLY A 128 31.61 1.69 -2.73
CA GLY A 128 30.54 1.32 -3.66
C GLY A 128 29.84 0.05 -3.20
N VAL A 129 28.75 -0.31 -3.86
CA VAL A 129 27.89 -1.44 -3.42
C VAL A 129 27.42 -2.25 -4.62
N LYS A 130 26.85 -3.42 -4.36
CA LYS A 130 26.26 -4.23 -5.41
C LYS A 130 24.75 -4.03 -5.45
N ALA A 131 24.18 -4.17 -6.62
CA ALA A 131 22.74 -4.02 -6.78
C ALA A 131 22.22 -5.15 -7.65
N THR A 132 20.90 -5.25 -7.76
CA THR A 132 20.28 -6.27 -8.60
C THR A 132 19.08 -5.66 -9.26
N PHE A 133 18.77 -6.10 -10.47
CA PHE A 133 17.57 -5.58 -11.17
C PHE A 133 16.36 -6.39 -10.72
N VAL A 134 15.24 -5.70 -10.50
CA VAL A 134 14.01 -6.32 -10.02
C VAL A 134 12.88 -5.57 -10.75
N GLU A 135 11.91 -6.33 -11.27
CA GLU A 135 10.81 -5.73 -11.98
C GLU A 135 10.01 -4.80 -11.05
N ASP A 136 9.67 -3.61 -11.59
CA ASP A 136 8.85 -2.62 -10.88
C ASP A 136 7.39 -3.03 -11.05
N ILE A 137 6.79 -3.55 -9.98
CA ILE A 137 5.38 -3.97 -9.99
C ILE A 137 4.48 -3.03 -9.17
N ARG A 138 5.00 -1.85 -8.89
CA ARG A 138 4.32 -0.90 -8.00
C ARG A 138 3.14 -0.20 -8.69
N TRP A 139 2.30 0.50 -7.91
CA TRP A 139 1.23 1.29 -8.48
C TRP A 139 1.76 2.42 -9.35
N LEU A 140 0.86 3.14 -10.01
CA LEU A 140 1.28 4.12 -10.99
C LEU A 140 1.32 5.54 -10.45
N ARG A 141 1.31 5.69 -9.14
CA ARG A 141 1.50 7.03 -8.54
C ARG A 141 2.68 7.05 -7.59
N CYS A 142 3.83 6.66 -8.13
CA CYS A 142 5.07 6.64 -7.37
C CYS A 142 5.60 8.06 -7.02
N ASP A 143 5.01 9.08 -7.62
CA ASP A 143 5.31 10.45 -7.26
C ASP A 143 4.78 10.83 -5.85
N ILE A 144 3.85 10.05 -5.32
CA ILE A 144 3.30 10.32 -3.98
C ILE A 144 4.12 9.50 -2.99
N LYS A 145 4.66 10.13 -1.95
CA LYS A 145 5.47 9.41 -0.97
C LYS A 145 4.51 8.84 0.08
N SER A 146 3.85 7.73 -0.26
CA SER A 146 2.82 7.17 0.60
C SER A 146 3.32 5.98 1.42
N LEU A 147 2.49 5.56 2.36
CA LEU A 147 2.78 4.41 3.19
C LEU A 147 2.50 3.08 2.48
N ASN A 148 2.03 3.11 1.21
CA ASN A 148 1.82 1.88 0.44
C ASN A 148 3.19 1.44 -0.11
N LEU A 149 3.92 0.68 0.67
CA LEU A 149 5.33 0.40 0.39
C LEU A 149 5.60 -1.10 0.22
N LEU A 150 4.55 -1.89 0.02
CA LEU A 150 4.76 -3.34 -0.07
C LEU A 150 5.54 -3.81 -1.33
N GLY A 151 5.38 -3.15 -2.46
CA GLY A 151 6.25 -3.48 -3.59
C GLY A 151 7.71 -3.23 -3.29
N ALA A 152 8.01 -2.09 -2.67
CA ALA A 152 9.39 -1.78 -2.29
C ALA A 152 9.95 -2.71 -1.25
N VAL A 153 9.13 -3.11 -0.28
CA VAL A 153 9.52 -4.13 0.71
C VAL A 153 9.97 -5.44 0.02
N LEU A 154 9.15 -5.94 -0.89
CA LEU A 154 9.49 -7.20 -1.54
C LEU A 154 10.75 -7.10 -2.40
N ALA A 155 10.92 -5.96 -3.06
CA ALA A 155 12.11 -5.70 -3.88
C ALA A 155 13.39 -5.59 -3.05
N LYS A 156 13.32 -4.85 -1.95
CA LYS A 156 14.46 -4.75 -1.01
C LYS A 156 14.84 -6.11 -0.41
N GLN A 157 13.84 -6.90 -0.02
CA GLN A 157 14.11 -8.24 0.52
C GLN A 157 14.85 -9.11 -0.51
N GLU A 158 14.37 -9.11 -1.75
CA GLU A 158 15.02 -9.87 -2.82
C GLU A 158 16.50 -9.46 -2.99
N ALA A 159 16.77 -8.15 -2.97
CA ALA A 159 18.13 -7.64 -3.03
C ALA A 159 18.97 -8.15 -1.84
N HIS A 160 18.42 -8.05 -0.62
CA HIS A 160 19.13 -8.47 0.57
CA HIS A 160 19.07 -8.46 0.61
C HIS A 160 19.42 -9.96 0.57
N GLU A 161 18.54 -10.74 -0.05
CA GLU A 161 18.75 -12.19 -0.18
C GLU A 161 19.85 -12.54 -1.16
N LYS A 162 20.13 -11.65 -2.11
CA LYS A 162 21.21 -11.85 -3.08
C LYS A 162 22.51 -11.18 -2.63
N GLY A 163 22.56 -10.70 -1.40
CA GLY A 163 23.74 -9.97 -0.92
C GLY A 163 23.97 -8.59 -1.54
N CYS A 164 22.89 -8.02 -2.06
CA CYS A 164 22.93 -6.70 -2.68
C CYS A 164 22.38 -5.62 -1.74
N TYR A 165 22.90 -4.41 -1.87
CA TYR A 165 22.46 -3.28 -1.07
C TYR A 165 21.09 -2.71 -1.50
N GLU A 166 20.85 -2.72 -2.81
CA GLU A 166 19.68 -2.06 -3.40
C GLU A 166 19.15 -2.85 -4.59
N ALA A 167 17.83 -2.77 -4.76
CA ALA A 167 17.15 -3.30 -5.94
C ALA A 167 16.93 -2.12 -6.86
N ILE A 168 17.41 -2.23 -8.09
CA ILE A 168 17.16 -1.22 -9.08
C ILE A 168 15.94 -1.71 -9.85
N LEU A 169 14.87 -0.93 -9.83
CA LEU A 169 13.58 -1.35 -10.43
C LEU A 169 13.48 -0.92 -11.88
N HIS A 170 12.70 -1.66 -12.67
CA HIS A 170 12.48 -1.33 -14.06
C HIS A 170 11.09 -1.74 -14.50
N ARG A 171 10.51 -0.93 -15.38
CA ARG A 171 9.20 -1.21 -15.96
C ARG A 171 9.48 -1.69 -17.37
N ASN A 172 9.36 -3.00 -17.58
CA ASN A 172 9.67 -3.61 -18.89
CA ASN A 172 9.65 -3.59 -18.90
C ASN A 172 11.03 -3.13 -19.42
N ASN A 173 12.03 -3.28 -18.57
CA ASN A 173 13.43 -2.95 -18.85
C ASN A 173 13.79 -1.49 -18.91
N THR A 174 12.85 -0.60 -18.65
CA THR A 174 13.20 0.81 -18.52
C THR A 174 13.47 1.05 -17.02
N VAL A 175 14.68 1.47 -16.70
CA VAL A 175 15.05 1.76 -15.31
C VAL A 175 14.24 2.93 -14.79
N THR A 176 13.62 2.77 -13.63
CA THR A 176 12.87 3.85 -13.00
C THR A 176 13.66 4.42 -11.81
N GLU A 177 13.60 3.76 -10.66
CA GLU A 177 14.33 4.19 -9.47
C GLU A 177 14.67 2.94 -8.66
N GLY A 178 15.23 3.13 -7.47
CA GLY A 178 15.58 2.04 -6.58
C GLY A 178 14.40 1.80 -5.66
N SER A 179 14.40 0.66 -4.97
CA SER A 179 13.32 0.36 -4.03
C SER A 179 13.26 1.43 -2.94
N SER A 180 14.39 2.04 -2.62
CA SER A 180 14.32 3.26 -1.79
C SER A 180 15.35 4.32 -2.16
N SER A 181 15.54 4.56 -3.45
CA SER A 181 16.52 5.53 -3.90
C SER A 181 16.18 5.96 -5.30
N ASN A 182 16.89 6.99 -5.78
CA ASN A 182 16.84 7.33 -7.20
C ASN A 182 18.11 6.80 -7.86
N VAL A 183 18.08 6.59 -9.18
CA VAL A 183 19.17 5.91 -9.88
C VAL A 183 19.70 6.88 -10.95
N PHE A 184 21.04 7.04 -10.95
CA PHE A 184 21.72 7.88 -11.95
C PHE A 184 22.78 7.04 -12.70
N GLY A 185 22.95 7.32 -13.98
CA GLY A 185 24.05 6.69 -14.71
C GLY A 185 24.86 7.79 -15.34
N ILE A 186 26.15 7.53 -15.56
CA ILE A 186 27.05 8.51 -16.20
C ILE A 186 27.66 7.81 -17.41
N LYS A 187 27.65 8.50 -18.54
CA LYS A 187 28.36 8.02 -19.74
C LYS A 187 28.94 9.22 -20.49
N ASP A 188 30.22 9.12 -20.82
CA ASP A 188 30.93 10.24 -21.48
C ASP A 188 30.75 11.58 -20.74
N GLY A 189 30.84 11.55 -19.41
CA GLY A 189 30.74 12.77 -18.61
C GLY A 189 29.37 13.43 -18.57
N ILE A 190 28.32 12.71 -19.01
CA ILE A 190 26.95 13.23 -18.98
C ILE A 190 26.16 12.45 -17.93
N LEU A 191 25.31 13.16 -17.20
CA LEU A 191 24.59 12.54 -16.10
C LEU A 191 23.19 12.24 -16.58
N TYR A 192 22.74 11.00 -16.42
CA TYR A 192 21.40 10.58 -16.86
C TYR A 192 20.58 10.09 -15.67
N THR A 193 19.30 10.39 -15.69
CA THR A 193 18.39 9.92 -14.65
C THR A 193 16.94 10.00 -15.16
N HIS A 194 16.10 9.09 -14.70
CA HIS A 194 14.69 9.07 -15.18
C HIS A 194 14.01 10.42 -14.81
N PRO A 195 13.19 10.98 -15.74
CA PRO A 195 12.49 12.24 -15.48
C PRO A 195 11.49 12.12 -14.32
N ALA A 196 11.17 13.23 -13.67
CA ALA A 196 10.26 13.15 -12.52
C ALA A 196 8.82 13.22 -12.97
N ASN A 197 8.25 12.08 -13.32
CA ASN A 197 6.80 11.96 -13.58
C ASN A 197 6.20 10.96 -12.57
N ASN A 198 5.08 10.34 -12.89
CA ASN A 198 4.37 9.49 -11.94
C ASN A 198 5.06 8.17 -11.67
N MET A 199 6.17 7.90 -12.35
CA MET A 199 6.87 6.61 -12.28
C MET A 199 7.94 6.54 -11.20
N ILE A 200 8.31 7.68 -10.66
CA ILE A 200 9.34 7.71 -9.62
C ILE A 200 8.99 8.75 -8.56
N LEU A 201 9.62 8.62 -7.41
CA LEU A 201 9.61 9.68 -6.44
C LEU A 201 10.61 10.75 -6.84
N LYS A 202 10.20 12.01 -6.80
CA LYS A 202 11.15 13.11 -7.05
C LYS A 202 11.99 13.33 -5.78
N GLY A 203 13.07 12.56 -5.66
CA GLY A 203 13.90 12.59 -4.42
C GLY A 203 14.46 13.98 -4.08
N ILE A 204 14.51 14.33 -2.81
CA ILE A 204 15.23 15.55 -2.43
C ILE A 204 16.74 15.39 -2.75
N THR A 205 17.31 14.22 -2.45
CA THR A 205 18.74 14.02 -2.70
C THR A 205 19.03 14.07 -4.22
N ARG A 206 18.15 13.45 -5.01
CA ARG A 206 18.18 13.54 -6.47
C ARG A 206 18.32 14.99 -6.90
N ASP A 207 17.44 15.83 -6.36
CA ASP A 207 17.42 17.25 -6.77
C ASP A 207 18.69 18.03 -6.37
N VAL A 208 19.20 17.75 -5.18
CA VAL A 208 20.49 18.29 -4.72
C VAL A 208 21.65 17.85 -5.64
N VAL A 209 21.64 16.59 -6.07
CA VAL A 209 22.70 16.08 -6.96
C VAL A 209 22.66 16.73 -8.34
N ILE A 210 21.46 16.94 -8.88
CA ILE A 210 21.31 17.67 -10.14
C ILE A 210 21.86 19.11 -10.00
N ALA A 211 21.54 19.76 -8.89
CA ALA A 211 22.08 21.10 -8.60
C ALA A 211 23.62 21.09 -8.52
N CYS A 212 24.18 20.08 -7.87
CA CYS A 212 25.62 19.85 -7.79
C CYS A 212 26.23 19.69 -9.17
N ALA A 213 25.56 18.94 -10.03
CA ALA A 213 26.04 18.74 -11.41
C ALA A 213 26.07 20.07 -12.20
N ASN A 214 25.02 20.87 -12.05
CA ASN A 214 24.96 22.20 -12.65
C ASN A 214 26.11 23.09 -12.14
N GLU A 215 26.35 23.05 -10.84
CA GLU A 215 27.44 23.83 -10.20
C GLU A 215 28.84 23.47 -10.71
N ILE A 216 29.06 22.20 -11.03
CA ILE A 216 30.33 21.77 -11.62
C ILE A 216 30.33 21.66 -13.15
N ASN A 217 29.32 22.22 -13.81
CA ASN A 217 29.23 22.22 -15.28
C ASN A 217 29.25 20.84 -15.92
N MET A 218 28.57 19.90 -15.26
CA MET A 218 28.35 18.58 -15.85
C MET A 218 26.95 18.55 -16.49
N PRO A 219 26.85 18.24 -17.79
CA PRO A 219 25.55 18.18 -18.47
C PRO A 219 24.64 17.13 -17.82
N VAL A 220 23.39 17.52 -17.64
CA VAL A 220 22.36 16.61 -17.11
C VAL A 220 21.28 16.36 -18.16
N LYS A 221 20.93 15.09 -18.37
CA LYS A 221 19.87 14.72 -19.29
C LYS A 221 18.89 13.85 -18.52
N GLU A 222 17.71 14.39 -18.27
CA GLU A 222 16.65 13.66 -17.60
C GLU A 222 15.87 12.84 -18.62
N ILE A 223 16.48 11.75 -19.03
CA ILE A 223 15.83 10.83 -19.94
C ILE A 223 16.06 9.42 -19.42
N PRO A 224 15.09 8.52 -19.63
CA PRO A 224 15.21 7.21 -19.06
C PRO A 224 16.19 6.35 -19.86
N PHE A 225 16.76 5.34 -19.21
CA PHE A 225 17.58 4.33 -19.89
C PHE A 225 17.18 2.91 -19.49
N THR A 226 17.55 1.94 -20.33
CA THR A 226 17.18 0.56 -20.09
C THR A 226 18.16 -0.11 -19.18
N THR A 227 17.74 -1.24 -18.61
CA THR A 227 18.61 -2.13 -17.87
C THR A 227 19.86 -2.48 -18.69
N HIS A 228 19.69 -2.73 -19.99
CA HIS A 228 20.82 -3.13 -20.84
C HIS A 228 21.82 -1.97 -21.03
N GLU A 229 21.29 -0.75 -21.22
CA GLU A 229 22.08 0.46 -21.30
C GLU A 229 22.78 0.75 -19.95
N ALA A 230 22.08 0.53 -18.84
CA ALA A 230 22.65 0.78 -17.53
C ALA A 230 23.93 -0.01 -17.35
N LEU A 231 23.93 -1.26 -17.80
CA LEU A 231 25.11 -2.13 -17.65
C LEU A 231 26.33 -1.66 -18.44
N LYS A 232 26.08 -0.81 -19.43
CA LYS A 232 27.13 -0.30 -20.30
C LYS A 232 27.56 1.10 -19.90
N MET A 233 27.01 1.61 -18.80
CA MET A 233 27.34 2.97 -18.33
C MET A 233 28.79 3.02 -17.86
N ASP A 234 29.41 4.20 -17.88
CA ASP A 234 30.73 4.40 -17.27
C ASP A 234 30.69 4.34 -15.75
N GLU A 235 29.61 4.89 -15.18
CA GLU A 235 29.44 4.93 -13.73
C GLU A 235 27.94 4.89 -13.42
N LEU A 236 27.63 4.40 -12.23
CA LEU A 236 26.27 4.33 -11.75
C LEU A 236 26.28 4.63 -10.24
N PHE A 237 25.29 5.38 -9.79
CA PHE A 237 25.08 5.53 -8.35
C PHE A 237 23.58 5.67 -8.01
N VAL A 238 23.27 5.45 -6.74
CA VAL A 238 21.92 5.70 -6.19
C VAL A 238 21.95 6.83 -5.12
N THR A 239 20.81 7.50 -4.92
CA THR A 239 20.74 8.60 -4.00
C THR A 239 19.54 8.44 -3.08
N SER A 240 19.69 8.78 -1.81
CA SER A 240 18.54 8.95 -0.92
C SER A 240 19.00 9.75 0.27
N THR A 241 18.05 10.15 1.11
CA THR A 241 18.38 10.95 2.31
C THR A 241 19.41 10.24 3.19
N THR A 242 19.34 8.94 3.31
CA THR A 242 20.28 8.20 4.15
CA THR A 242 20.33 8.24 4.14
C THR A 242 21.51 7.66 3.38
N SER A 243 21.32 7.29 2.12
CA SER A 243 22.38 6.71 1.31
C SER A 243 23.31 7.77 0.70
N GLU A 244 22.88 9.04 0.71
CA GLU A 244 23.61 10.15 0.08
C GLU A 244 23.90 9.83 -1.42
N ILE A 245 25.16 9.91 -1.85
CA ILE A 245 25.54 9.44 -3.21
C ILE A 245 26.31 8.12 -3.04
N THR A 246 25.62 7.01 -3.21
CA THR A 246 26.21 5.67 -3.04
C THR A 246 26.53 5.04 -4.42
N PRO A 247 27.84 4.90 -4.74
CA PRO A 247 28.23 4.32 -6.01
C PRO A 247 27.76 2.87 -6.14
N VAL A 248 27.37 2.49 -7.34
CA VAL A 248 27.03 1.10 -7.60
C VAL A 248 28.10 0.57 -8.55
N ILE A 249 28.87 -0.41 -8.07
CA ILE A 249 30.02 -0.95 -8.83
C ILE A 249 29.73 -2.29 -9.54
N GLU A 250 28.64 -2.96 -9.17
CA GLU A 250 28.31 -4.23 -9.77
C GLU A 250 26.79 -4.43 -9.81
N ILE A 251 26.25 -4.89 -10.93
CA ILE A 251 24.86 -5.31 -10.96
C ILE A 251 24.77 -6.73 -11.47
N ASP A 252 24.24 -7.60 -10.60
CA ASP A 252 23.99 -9.01 -10.90
C ASP A 252 25.21 -9.72 -11.45
N GLY A 253 26.33 -9.55 -10.75
CA GLY A 253 27.57 -10.22 -11.13
C GLY A 253 28.34 -9.58 -12.29
N LYS A 254 27.83 -8.47 -12.83
CA LYS A 254 28.46 -7.79 -13.93
C LYS A 254 29.02 -6.45 -13.43
N LEU A 255 30.32 -6.24 -13.62
CA LEU A 255 30.93 -4.99 -13.13
C LEU A 255 30.48 -3.81 -13.96
N ILE A 256 30.39 -2.66 -13.31
CA ILE A 256 30.15 -1.41 -14.00
C ILE A 256 31.54 -0.86 -14.35
N ARG A 257 31.81 -0.79 -15.65
CA ARG A 257 33.14 -0.51 -16.19
C ARG A 257 34.16 -1.45 -15.56
N ASP A 258 35.01 -0.93 -14.67
CA ASP A 258 36.04 -1.74 -14.01
C ASP A 258 35.73 -2.14 -12.56
N GLY A 259 34.54 -1.79 -12.06
CA GLY A 259 34.18 -2.13 -10.68
C GLY A 259 34.73 -1.16 -9.65
N LYS A 260 35.22 -0.03 -10.12
CA LYS A 260 35.80 1.02 -9.27
C LYS A 260 34.89 2.24 -9.30
N VAL A 261 34.89 3.02 -8.23
CA VAL A 261 34.10 4.26 -8.21
C VAL A 261 34.67 5.26 -9.21
N GLY A 262 33.82 5.81 -10.07
CA GLY A 262 34.25 6.67 -11.14
C GLY A 262 34.57 8.12 -10.78
N GLU A 263 35.26 8.79 -11.69
CA GLU A 263 35.75 10.15 -11.48
CA GLU A 263 35.75 10.17 -11.48
C GLU A 263 34.62 11.16 -11.26
N TRP A 264 33.57 11.09 -12.09
CA TRP A 264 32.47 12.05 -11.97
C TRP A 264 31.63 11.82 -10.70
N THR A 265 31.42 10.56 -10.34
CA THR A 265 30.82 10.23 -9.03
C THR A 265 31.57 10.88 -7.87
N ARG A 266 32.90 10.73 -7.82
CA ARG A 266 33.75 11.45 -6.86
C ARG A 266 33.59 12.97 -6.91
N LYS A 267 33.57 13.57 -8.10
CA LYS A 267 33.36 15.03 -8.18
C LYS A 267 32.01 15.46 -7.61
N LEU A 268 30.97 14.69 -7.90
CA LEU A 268 29.65 14.98 -7.34
C LEU A 268 29.62 14.79 -5.84
N GLN A 269 30.27 13.74 -5.35
CA GLN A 269 30.38 13.51 -3.91
C GLN A 269 31.08 14.69 -3.23
N LYS A 270 32.12 15.21 -3.87
CA LYS A 270 32.85 16.36 -3.33
CA LYS A 270 32.86 16.37 -3.37
C LYS A 270 31.96 17.61 -3.27
N GLN A 271 31.18 17.87 -4.32
CA GLN A 271 30.29 19.02 -4.33
C GLN A 271 29.16 18.85 -3.31
N PHE A 272 28.67 17.60 -3.17
CA PHE A 272 27.62 17.31 -2.21
C PHE A 272 28.07 17.59 -0.77
N GLU A 273 29.31 17.21 -0.47
CA GLU A 273 29.90 17.43 0.83
C GLU A 273 29.93 18.90 1.25
N THR A 274 30.00 19.81 0.29
CA THR A 274 29.98 21.23 0.60
C THR A 274 28.62 21.74 1.14
N LYS A 275 27.55 20.96 0.91
CA LYS A 275 26.17 21.36 1.23
C LYS A 275 25.73 20.94 2.62
N ILE A 276 26.35 19.92 3.17
CA ILE A 276 25.86 19.35 4.42
C ILE A 276 26.45 20.09 5.63
N PRO A 277 25.67 20.19 6.72
CA PRO A 277 26.17 20.85 7.94
C PRO A 277 27.40 20.14 8.48
N LYS A 278 28.40 20.92 8.89
CA LYS A 278 29.62 20.37 9.49
C LYS A 278 29.87 21.11 10.81
N PRO A 279 30.45 20.42 11.82
CA PRO A 279 30.28 20.73 13.27
C PRO A 279 30.07 22.21 13.72
N LEU A 280 31.10 22.93 14.19
CA LEU A 280 32.50 22.58 13.97
C LEU A 280 33.53 23.16 15.01
N GLY B 1 -16.40 -3.74 21.91
CA GLY B 1 -16.66 -4.98 22.67
C GLY B 1 -15.35 -5.71 22.79
N TYR B 2 -15.22 -6.81 22.04
CA TYR B 2 -14.06 -7.68 22.15
C TYR B 2 -13.31 -7.78 20.85
N THR B 3 -11.99 -7.79 20.95
CA THR B 3 -11.12 -7.80 19.80
C THR B 3 -10.17 -8.97 19.87
N LEU B 4 -10.07 -9.70 18.77
CA LEU B 4 -9.05 -10.73 18.61
C LEU B 4 -7.70 -10.04 18.51
N TRP B 5 -6.80 -10.33 19.43
CA TRP B 5 -5.46 -9.77 19.36
C TRP B 5 -4.41 -10.87 19.51
N ASN B 6 -3.72 -11.16 18.41
CA ASN B 6 -2.79 -12.29 18.37
C ASN B 6 -3.53 -13.61 18.62
N ASP B 7 -3.36 -14.22 19.79
CA ASP B 7 -4.10 -15.46 20.07
C ASP B 7 -5.13 -15.40 21.19
N GLN B 8 -5.53 -14.18 21.57
CA GLN B 8 -6.44 -13.95 22.68
CA GLN B 8 -6.43 -13.95 22.69
C GLN B 8 -7.58 -13.05 22.24
N ILE B 9 -8.78 -13.28 22.79
CA ILE B 9 -9.90 -12.36 22.64
C ILE B 9 -9.90 -11.45 23.87
N VAL B 10 -9.67 -10.16 23.67
CA VAL B 10 -9.55 -9.22 24.78
C VAL B 10 -10.53 -8.08 24.64
N LYS B 11 -10.79 -7.34 25.71
CA LYS B 11 -11.58 -6.12 25.58
C LYS B 11 -10.85 -5.15 24.64
N ASP B 12 -11.60 -4.46 23.80
CA ASP B 12 -10.97 -3.58 22.81
CA ASP B 12 -11.04 -3.51 22.81
C ASP B 12 -9.97 -2.60 23.42
N GLU B 13 -10.21 -2.16 24.66
CA GLU B 13 -9.37 -1.14 25.29
C GLU B 13 -7.96 -1.62 25.68
N GLU B 14 -7.76 -2.93 25.64
CA GLU B 14 -6.48 -3.53 26.00
CA GLU B 14 -6.47 -3.52 26.00
C GLU B 14 -5.50 -3.59 24.82
N VAL B 15 -6.02 -3.44 23.60
CA VAL B 15 -5.21 -3.63 22.37
C VAL B 15 -4.22 -2.48 22.19
N LYS B 16 -2.93 -2.81 22.10
CA LYS B 16 -1.86 -1.83 21.87
C LYS B 16 -1.13 -2.07 20.54
N ILE B 17 -1.31 -1.17 19.58
CA ILE B 17 -0.57 -1.21 18.30
CA ILE B 17 -0.54 -1.24 18.33
C ILE B 17 0.64 -0.28 18.37
N ASP B 18 1.80 -0.79 17.99
CA ASP B 18 3.04 -0.04 18.01
C ASP B 18 3.17 0.79 16.75
N LYS B 19 3.79 1.98 16.88
CA LYS B 19 4.08 2.85 15.74
C LYS B 19 4.98 2.20 14.70
N GLU B 20 5.75 1.20 15.11
CA GLU B 20 6.63 0.46 14.21
C GLU B 20 6.10 -0.91 13.79
N ASP B 21 4.83 -1.15 14.01
CA ASP B 21 4.14 -2.28 13.40
C ASP B 21 4.27 -2.06 11.89
N ARG B 22 4.78 -3.07 11.16
CA ARG B 22 4.99 -2.90 9.73
C ARG B 22 3.68 -2.74 8.94
N GLY B 23 2.54 -3.08 9.55
CA GLY B 23 1.24 -2.79 8.92
C GLY B 23 1.04 -1.28 8.87
N TYR B 24 1.57 -0.56 9.87
CA TYR B 24 1.37 0.89 9.95
C TYR B 24 2.35 1.67 9.11
N GLN B 25 3.56 1.15 8.94
CA GLN B 25 4.60 1.91 8.21
C GLN B 25 4.75 1.52 6.73
N PHE B 26 4.34 0.30 6.35
CA PHE B 26 4.53 -0.23 4.99
C PHE B 26 3.28 -0.84 4.38
N GLY B 27 2.21 -0.91 5.17
CA GLY B 27 1.00 -1.65 4.75
C GLY B 27 1.39 -3.11 4.54
N ASP B 28 2.35 -3.60 5.33
CA ASP B 28 2.95 -4.94 5.13
C ASP B 28 2.08 -5.99 5.86
N GLY B 29 0.99 -6.38 5.21
CA GLY B 29 0.01 -7.24 5.87
C GLY B 29 -1.09 -7.63 4.91
N VAL B 30 -1.94 -8.56 5.33
CA VAL B 30 -3.02 -9.07 4.51
C VAL B 30 -4.29 -9.15 5.38
N TYR B 31 -5.45 -9.29 4.76
CA TYR B 31 -6.68 -9.24 5.55
C TYR B 31 -7.77 -10.03 4.88
N GLU B 32 -8.87 -10.23 5.62
CA GLU B 32 -10.07 -10.91 5.13
C GLU B 32 -11.28 -10.23 5.76
N VAL B 33 -12.41 -10.34 5.07
CA VAL B 33 -13.71 -9.98 5.64
C VAL B 33 -14.63 -11.19 5.46
N VAL B 34 -15.33 -11.57 6.53
CA VAL B 34 -16.23 -12.74 6.48
C VAL B 34 -17.62 -12.27 6.87
N LYS B 35 -18.63 -12.58 6.05
CA LYS B 35 -20.02 -12.26 6.45
C LYS B 35 -20.60 -13.31 7.43
N VAL B 36 -21.36 -12.80 8.39
CA VAL B 36 -22.07 -13.60 9.41
C VAL B 36 -23.54 -13.32 9.23
N TYR B 37 -24.34 -14.37 9.06
CA TYR B 37 -25.79 -14.23 8.91
C TYR B 37 -26.50 -14.90 10.11
N ASN B 38 -27.24 -14.12 10.87
CA ASN B 38 -27.89 -14.64 12.08
C ASN B 38 -26.97 -15.55 12.91
N GLY B 39 -25.77 -15.05 13.21
CA GLY B 39 -24.81 -15.76 14.07
C GLY B 39 -23.96 -16.82 13.39
N GLU B 40 -24.22 -17.13 12.13
CA GLU B 40 -23.45 -18.14 11.47
C GLU B 40 -22.55 -17.54 10.38
N MET B 41 -21.31 -17.97 10.35
CA MET B 41 -20.32 -17.46 9.42
C MET B 41 -20.57 -18.11 8.09
N PHE B 42 -20.38 -17.36 7.02
CA PHE B 42 -20.57 -17.83 5.66
C PHE B 42 -19.21 -18.01 4.99
N THR B 43 -19.03 -19.18 4.38
CA THR B 43 -17.80 -19.56 3.68
C THR B 43 -16.53 -19.25 4.47
N VAL B 44 -16.53 -19.51 5.79
CA VAL B 44 -15.38 -19.11 6.59
C VAL B 44 -14.10 -19.88 6.19
N ASN B 45 -14.24 -21.18 5.86
CA ASN B 45 -13.06 -21.97 5.46
C ASN B 45 -12.36 -21.40 4.23
N GLU B 46 -13.15 -20.99 3.24
CA GLU B 46 -12.62 -20.40 2.00
C GLU B 46 -11.87 -19.09 2.27
N HIS B 47 -12.42 -18.26 3.17
CA HIS B 47 -11.75 -17.00 3.58
C HIS B 47 -10.47 -17.29 4.40
N ILE B 48 -10.50 -18.26 5.30
CA ILE B 48 -9.26 -18.62 6.01
C ILE B 48 -8.18 -19.15 5.04
N ASP B 49 -8.59 -20.00 4.09
CA ASP B 49 -7.67 -20.50 3.10
C ASP B 49 -7.04 -19.33 2.32
N ARG B 50 -7.86 -18.33 1.99
CA ARG B 50 -7.35 -17.19 1.20
C ARG B 50 -6.42 -16.33 2.02
N LEU B 51 -6.73 -16.15 3.30
CA LEU B 51 -5.84 -15.42 4.20
C LEU B 51 -4.45 -16.06 4.23
N TYR B 52 -4.39 -17.37 4.41
CA TYR B 52 -3.08 -18.07 4.47
C TYR B 52 -2.35 -17.98 3.12
N ALA B 53 -3.10 -18.05 2.02
CA ALA B 53 -2.55 -17.90 0.68
C ALA B 53 -1.97 -16.49 0.42
N SER B 54 -2.72 -15.45 0.78
CA SER B 54 -2.22 -14.06 0.68
C SER B 54 -0.95 -13.90 1.51
N ALA B 55 -0.97 -14.40 2.75
CA ALA B 55 0.19 -14.35 3.65
C ALA B 55 1.39 -15.04 3.03
N GLU B 56 1.19 -16.25 2.50
CA GLU B 56 2.28 -16.97 1.89
C GLU B 56 2.87 -16.23 0.70
N LYS B 57 2.01 -15.60 -0.08
CA LYS B 57 2.48 -14.84 -1.23
C LYS B 57 3.47 -13.72 -0.90
N ILE B 58 3.43 -13.20 0.32
CA ILE B 58 4.40 -12.15 0.77
C ILE B 58 5.24 -12.69 1.91
N ARG B 59 5.25 -14.01 2.02
CA ARG B 59 6.12 -14.72 2.96
C ARG B 59 5.97 -14.34 4.42
N ILE B 60 4.73 -14.17 4.87
CA ILE B 60 4.41 -14.08 6.28
C ILE B 60 3.98 -15.49 6.72
N THR B 61 4.54 -15.97 7.83
CA THR B 61 4.09 -17.23 8.41
C THR B 61 3.17 -16.95 9.58
N ILE B 62 1.90 -17.34 9.43
CA ILE B 62 0.91 -17.16 10.49
C ILE B 62 1.25 -18.17 11.61
N PRO B 63 1.38 -17.69 12.84
CA PRO B 63 1.93 -18.53 13.89
C PRO B 63 0.98 -19.59 14.46
N TYR B 64 -0.20 -19.80 13.87
CA TYR B 64 -1.03 -20.92 14.31
CA TYR B 64 -1.24 -20.74 14.35
C TYR B 64 -1.83 -21.54 13.19
N THR B 65 -2.37 -22.73 13.48
CA THR B 65 -3.01 -23.56 12.46
C THR B 65 -4.33 -22.93 12.04
N LYS B 66 -4.81 -23.30 10.88
CA LYS B 66 -6.13 -22.88 10.38
C LYS B 66 -7.26 -23.27 11.32
N ASP B 67 -7.11 -24.43 12.00
CA ASP B 67 -8.09 -24.92 12.98
C ASP B 67 -8.18 -23.96 14.14
N LYS B 68 -7.02 -23.53 14.64
CA LYS B 68 -6.96 -22.56 15.74
C LYS B 68 -7.60 -21.23 15.35
N PHE B 69 -7.25 -20.77 14.15
CA PHE B 69 -7.80 -19.53 13.63
C PHE B 69 -9.35 -19.59 13.57
N HIS B 70 -9.91 -20.68 13.03
CA HIS B 70 -11.36 -20.89 12.93
C HIS B 70 -11.98 -20.83 14.34
N GLN B 71 -11.32 -21.50 15.28
CA GLN B 71 -11.76 -21.53 16.68
C GLN B 71 -11.83 -20.09 17.27
N LEU B 72 -10.78 -19.31 17.05
CA LEU B 72 -10.76 -17.95 17.56
C LEU B 72 -11.86 -17.07 16.93
N LEU B 73 -12.14 -17.27 15.65
CA LEU B 73 -13.19 -16.50 14.98
C LEU B 73 -14.58 -16.83 15.55
N HIS B 74 -14.85 -18.11 15.76
CA HIS B 74 -16.10 -18.52 16.44
CA HIS B 74 -16.07 -18.56 16.46
C HIS B 74 -16.24 -17.85 17.80
N GLU B 75 -15.19 -17.85 18.60
CA GLU B 75 -15.24 -17.23 19.92
CA GLU B 75 -15.25 -17.24 19.93
C GLU B 75 -15.49 -15.73 19.80
N LEU B 76 -14.82 -15.12 18.82
CA LEU B 76 -15.00 -13.70 18.58
C LEU B 76 -16.45 -13.34 18.29
N VAL B 77 -17.09 -14.12 17.42
CA VAL B 77 -18.50 -13.94 17.06
C VAL B 77 -19.42 -14.10 18.29
N GLU B 78 -19.16 -15.12 19.10
CA GLU B 78 -19.94 -15.33 20.35
C GLU B 78 -19.78 -14.24 21.39
N LYS B 79 -18.53 -13.84 21.68
CA LYS B 79 -18.27 -12.82 22.69
C LYS B 79 -18.91 -11.50 22.32
N ASN B 80 -18.92 -11.18 21.03
CA ASN B 80 -19.55 -9.95 20.58
C ASN B 80 -21.04 -10.07 20.32
N GLU B 81 -21.57 -11.28 20.41
CA GLU B 81 -22.97 -11.59 20.11
C GLU B 81 -23.41 -11.03 18.75
N LEU B 82 -22.59 -11.28 17.75
CA LEU B 82 -22.87 -10.78 16.41
C LEU B 82 -24.01 -11.59 15.80
N ASN B 83 -25.06 -10.88 15.37
CA ASN B 83 -26.19 -11.48 14.67
C ASN B 83 -25.87 -11.45 13.15
N THR B 84 -26.05 -10.31 12.51
CA THR B 84 -25.81 -10.19 11.05
C THR B 84 -24.81 -9.06 10.86
N GLY B 85 -23.67 -9.36 10.25
CA GLY B 85 -22.66 -8.34 10.05
C GLY B 85 -21.43 -8.99 9.47
N HIS B 86 -20.25 -8.58 9.93
CA HIS B 86 -19.03 -9.18 9.38
C HIS B 86 -17.91 -9.18 10.38
N ILE B 87 -16.98 -10.09 10.17
CA ILE B 87 -15.74 -10.10 10.92
C ILE B 87 -14.68 -9.52 10.00
N TYR B 88 -13.91 -8.57 10.50
CA TYR B 88 -12.71 -8.12 9.81
C TYR B 88 -11.50 -8.69 10.55
N PHE B 89 -10.53 -9.25 9.82
CA PHE B 89 -9.30 -9.68 10.46
C PHE B 89 -8.08 -9.48 9.57
N GLN B 90 -6.98 -9.15 10.22
CA GLN B 90 -5.77 -8.85 9.45
C GLN B 90 -4.55 -9.43 10.13
N VAL B 91 -3.50 -9.61 9.35
CA VAL B 91 -2.22 -10.10 9.88
C VAL B 91 -1.12 -9.21 9.30
N THR B 92 -0.25 -8.65 10.16
CA THR B 92 0.89 -7.87 9.62
C THR B 92 2.17 -8.62 9.92
N ARG B 93 3.26 -8.25 9.24
CA ARG B 93 4.54 -8.92 9.48
C ARG B 93 5.06 -8.77 10.91
N GLY B 94 4.63 -7.73 11.62
CA GLY B 94 4.94 -7.59 13.03
C GLY B 94 5.62 -6.26 13.29
N THR B 95 6.13 -6.09 14.50
CA THR B 95 6.73 -4.86 14.95
C THR B 95 8.25 -5.03 15.03
N SER B 96 8.97 -4.11 14.39
CA SER B 96 10.42 -4.20 14.24
C SER B 96 10.93 -2.79 13.92
N PRO B 97 12.16 -2.44 14.36
CA PRO B 97 12.66 -1.11 13.96
C PRO B 97 12.57 -0.93 12.43
N ARG B 98 12.15 0.25 12.00
CA ARG B 98 11.82 0.54 10.61
C ARG B 98 12.94 0.22 9.63
N ALA B 99 12.67 -0.69 8.70
CA ALA B 99 13.57 -1.03 7.61
C ALA B 99 12.77 -1.78 6.55
N HIS B 100 13.01 -1.49 5.27
CA HIS B 100 12.24 -2.14 4.18
C HIS B 100 12.33 -3.67 4.21
N GLN B 101 13.54 -4.21 4.35
CA GLN B 101 13.70 -5.67 4.28
C GLN B 101 13.03 -6.36 5.47
N PHE B 102 12.79 -7.66 5.33
CA PHE B 102 12.13 -8.45 6.38
C PHE B 102 12.95 -8.42 7.67
N PRO B 103 12.28 -8.40 8.83
CA PRO B 103 13.01 -8.50 10.10
C PRO B 103 13.41 -9.97 10.34
N GLU B 104 14.04 -10.28 11.46
CA GLU B 104 14.39 -11.68 11.68
CA GLU B 104 14.39 -11.67 11.79
C GLU B 104 13.15 -12.49 12.10
N ASN B 105 13.24 -13.81 11.89
CA ASN B 105 12.11 -14.73 12.08
C ASN B 105 11.71 -14.87 13.54
N THR B 106 12.37 -14.07 14.38
CA THR B 106 12.09 -13.96 15.78
C THR B 106 10.87 -13.06 16.02
N VAL B 107 10.54 -12.26 15.00
CA VAL B 107 9.43 -11.28 15.07
C VAL B 107 8.09 -11.98 14.79
N LYS B 108 7.20 -11.96 15.78
CA LYS B 108 5.85 -12.51 15.66
C LYS B 108 4.95 -11.54 14.86
N PRO B 109 4.18 -12.07 13.87
CA PRO B 109 3.13 -11.28 13.20
C PRO B 109 2.06 -10.77 14.19
N VAL B 110 1.41 -9.65 13.88
CA VAL B 110 0.37 -9.09 14.73
C VAL B 110 -0.95 -9.42 14.06
N ILE B 111 -1.87 -10.00 14.83
CA ILE B 111 -3.18 -10.39 14.28
C ILE B 111 -4.20 -9.57 15.05
N ILE B 112 -5.10 -8.92 14.31
CA ILE B 112 -6.17 -8.14 14.85
C ILE B 112 -7.47 -8.53 14.12
N GLY B 113 -8.53 -8.79 14.89
CA GLY B 113 -9.84 -9.07 14.32
C GLY B 113 -10.96 -8.44 15.13
N TYR B 114 -12.01 -7.97 14.49
CA TYR B 114 -13.13 -7.44 15.27
C TYR B 114 -14.41 -7.56 14.46
N THR B 115 -15.55 -7.28 15.09
CA THR B 115 -16.81 -7.50 14.39
C THR B 115 -17.53 -6.18 14.19
N LYS B 116 -18.48 -6.18 13.25
CA LYS B 116 -19.37 -5.06 13.07
C LYS B 116 -20.74 -5.56 12.68
N GLU B 117 -21.79 -5.03 13.30
CA GLU B 117 -23.15 -5.36 12.82
CA GLU B 117 -23.15 -5.32 12.85
C GLU B 117 -23.42 -4.57 11.54
N ASN B 118 -23.92 -5.26 10.52
CA ASN B 118 -24.15 -4.64 9.22
C ASN B 118 -25.18 -5.47 8.48
N PRO B 119 -26.39 -4.91 8.27
CA PRO B 119 -27.46 -5.70 7.62
C PRO B 119 -27.16 -6.01 6.15
N ARG B 120 -27.89 -6.97 5.61
CA ARG B 120 -27.91 -7.20 4.17
C ARG B 120 -28.36 -5.94 3.44
N PRO B 121 -27.72 -5.62 2.31
CA PRO B 121 -28.02 -4.39 1.58
C PRO B 121 -29.27 -4.51 0.74
N LEU B 122 -30.42 -4.58 1.43
CA LEU B 122 -31.73 -4.86 0.79
C LEU B 122 -32.05 -4.00 -0.42
N GLU B 123 -32.00 -2.69 -0.24
CA GLU B 123 -32.33 -1.74 -1.30
C GLU B 123 -31.47 -1.97 -2.56
N ASN B 124 -30.15 -2.10 -2.38
CA ASN B 124 -29.26 -2.30 -3.52
C ASN B 124 -29.54 -3.61 -4.26
N LEU B 125 -29.77 -4.68 -3.51
CA LEU B 125 -30.08 -5.99 -4.11
C LEU B 125 -31.35 -5.92 -4.99
N GLU B 126 -32.30 -5.10 -4.55
CA GLU B 126 -33.56 -4.99 -5.27
C GLU B 126 -33.52 -3.99 -6.44
N LYS B 127 -33.01 -2.80 -6.18
CA LYS B 127 -33.10 -1.69 -7.10
C LYS B 127 -31.89 -1.54 -8.02
N GLY B 128 -30.74 -2.15 -7.65
CA GLY B 128 -29.51 -1.93 -8.39
C GLY B 128 -28.86 -0.60 -8.05
N VAL B 129 -27.61 -0.43 -8.49
CA VAL B 129 -26.87 0.79 -8.19
C VAL B 129 -26.25 1.43 -9.44
N LYS B 130 -25.78 2.66 -9.27
CA LYS B 130 -24.93 3.34 -10.25
C LYS B 130 -23.45 3.14 -10.00
N ALA B 131 -22.70 3.09 -11.10
CA ALA B 131 -21.27 2.94 -11.04
C ALA B 131 -20.62 3.95 -11.96
N THR B 132 -19.30 4.05 -11.84
CA THR B 132 -18.51 4.93 -12.71
C THR B 132 -17.20 4.19 -13.06
N PHE B 133 -16.66 4.47 -14.26
CA PHE B 133 -15.40 3.87 -14.67
C PHE B 133 -14.23 4.67 -14.11
N VAL B 134 -13.21 3.99 -13.60
CA VAL B 134 -12.04 4.70 -13.04
C VAL B 134 -10.84 3.93 -13.50
N GLU B 135 -9.83 4.61 -14.03
CA GLU B 135 -8.66 3.90 -14.51
C GLU B 135 -7.98 3.20 -13.35
N ASP B 136 -7.55 1.96 -13.59
CA ASP B 136 -6.93 1.11 -12.57
C ASP B 136 -5.45 1.48 -12.51
N ILE B 137 -5.03 2.16 -11.44
CA ILE B 137 -3.63 2.56 -11.32
C ILE B 137 -2.93 1.77 -10.22
N ARG B 138 -3.53 0.67 -9.78
CA ARG B 138 -3.00 -0.08 -8.64
C ARG B 138 -1.77 -0.90 -9.04
N TRP B 139 -1.05 -1.44 -8.05
CA TRP B 139 0.10 -2.31 -8.35
C TRP B 139 -0.30 -3.59 -9.10
N LEU B 140 0.69 -4.37 -9.50
CA LEU B 140 0.47 -5.50 -10.36
C LEU B 140 0.36 -6.86 -9.64
N ARG B 141 0.15 -6.84 -8.33
CA ARG B 141 -0.17 -8.05 -7.58
C ARG B 141 -1.54 -7.92 -6.88
N CYS B 142 -2.58 -7.64 -7.67
CA CYS B 142 -3.93 -7.52 -7.11
C CYS B 142 -4.51 -8.87 -6.66
N ASP B 143 -3.83 -9.97 -6.97
CA ASP B 143 -4.24 -11.31 -6.47
C ASP B 143 -3.97 -11.47 -4.96
N ILE B 144 -3.10 -10.62 -4.40
CA ILE B 144 -2.82 -10.63 -2.96
C ILE B 144 -3.82 -9.69 -2.28
N LYS B 145 -4.50 -10.15 -1.23
CA LYS B 145 -5.44 -9.27 -0.53
C LYS B 145 -4.66 -8.49 0.55
N SER B 146 -3.90 -7.48 0.12
CA SER B 146 -3.00 -6.77 1.04
C SER B 146 -3.62 -5.49 1.61
N LEU B 147 -2.92 -4.89 2.57
CA LEU B 147 -3.37 -3.65 3.21
C LEU B 147 -2.95 -2.45 2.39
N ASN B 148 -2.25 -2.69 1.28
CA ASN B 148 -1.87 -1.59 0.36
C ASN B 148 -3.10 -1.21 -0.45
N LEU B 149 -3.96 -0.37 0.13
CA LEU B 149 -5.29 -0.12 -0.46
C LEU B 149 -5.51 1.31 -0.93
N LEU B 150 -4.43 2.08 -1.08
CA LEU B 150 -4.63 3.49 -1.39
C LEU B 150 -5.26 3.72 -2.78
N GLY B 151 -4.91 2.90 -3.75
CA GLY B 151 -5.55 2.98 -5.09
C GLY B 151 -7.07 2.81 -4.97
N ALA B 152 -7.48 1.82 -4.17
CA ALA B 152 -8.91 1.52 -4.01
C ALA B 152 -9.61 2.61 -3.25
N VAL B 153 -8.93 3.17 -2.23
CA VAL B 153 -9.45 4.31 -1.46
C VAL B 153 -9.78 5.49 -2.40
N LEU B 154 -8.82 5.88 -3.23
CA LEU B 154 -9.03 7.03 -4.14
C LEU B 154 -10.13 6.74 -5.18
N ALA B 155 -10.19 5.50 -5.67
CA ALA B 155 -11.22 5.09 -6.65
C ALA B 155 -12.62 5.15 -6.01
N LYS B 156 -12.77 4.56 -4.82
CA LYS B 156 -14.09 4.59 -4.15
C LYS B 156 -14.53 6.03 -3.83
N GLN B 157 -13.60 6.85 -3.38
CA GLN B 157 -13.92 8.23 -3.08
C GLN B 157 -14.39 8.96 -4.34
N GLU B 158 -13.75 8.69 -5.46
CA GLU B 158 -14.20 9.25 -6.75
C GLU B 158 -15.66 8.84 -7.04
N ALA B 159 -15.98 7.55 -6.86
CA ALA B 159 -17.34 7.09 -7.09
C ALA B 159 -18.35 7.79 -6.14
N HIS B 160 -17.99 7.88 -4.86
CA HIS B 160 -18.87 8.48 -3.86
CA HIS B 160 -18.83 8.49 -3.82
C HIS B 160 -19.18 9.94 -4.14
N GLU B 161 -18.17 10.70 -4.60
CA GLU B 161 -18.35 12.12 -5.01
C GLU B 161 -19.20 12.34 -6.24
N LYS B 162 -19.26 11.36 -7.12
CA LYS B 162 -20.19 11.38 -8.24
C LYS B 162 -21.53 10.75 -7.89
N GLY B 163 -21.74 10.39 -6.61
CA GLY B 163 -22.99 9.71 -6.16
C GLY B 163 -23.19 8.30 -6.69
N CYS B 164 -22.09 7.60 -6.93
CA CYS B 164 -22.12 6.22 -7.38
C CYS B 164 -21.76 5.28 -6.24
N TYR B 165 -22.22 4.04 -6.34
CA TYR B 165 -21.95 3.04 -5.31
C TYR B 165 -20.56 2.41 -5.42
N GLU B 166 -20.12 2.21 -6.66
CA GLU B 166 -18.85 1.51 -6.91
C GLU B 166 -18.08 2.14 -8.09
N ALA B 167 -16.75 2.09 -7.99
CA ALA B 167 -15.86 2.42 -9.10
C ALA B 167 -15.56 1.12 -9.82
N ILE B 168 -15.87 1.06 -11.12
CA ILE B 168 -15.47 -0.11 -11.90
C ILE B 168 -14.14 0.21 -12.57
N LEU B 169 -13.12 -0.61 -12.30
CA LEU B 169 -11.75 -0.26 -12.69
C LEU B 169 -11.42 -0.86 -14.03
N HIS B 170 -10.50 -0.19 -14.73
CA HIS B 170 -10.09 -0.68 -16.05
C HIS B 170 -8.61 -0.41 -16.27
N ARG B 171 -7.93 -1.39 -16.85
CA ARG B 171 -6.51 -1.27 -17.13
C ARG B 171 -6.37 -1.53 -18.62
N ASN B 172 -5.81 -0.56 -19.34
CA ASN B 172 -5.68 -0.66 -20.78
C ASN B 172 -7.08 -0.90 -21.40
N ASN B 173 -8.04 -0.14 -20.86
CA ASN B 173 -9.44 -0.15 -21.29
C ASN B 173 -10.18 -1.47 -21.10
N THR B 174 -9.54 -2.41 -20.41
CA THR B 174 -10.12 -3.71 -20.05
C THR B 174 -10.64 -3.66 -18.61
N VAL B 175 -11.92 -3.94 -18.41
CA VAL B 175 -12.51 -3.95 -17.05
C VAL B 175 -11.84 -5.05 -16.24
N THR B 176 -11.35 -4.73 -15.03
CA THR B 176 -10.68 -5.72 -14.20
C THR B 176 -11.65 -6.12 -13.07
N GLU B 177 -11.77 -5.28 -12.05
CA GLU B 177 -12.73 -5.53 -10.94
C GLU B 177 -13.21 -4.15 -10.45
N GLY B 178 -13.98 -4.14 -9.37
CA GLY B 178 -14.43 -2.93 -8.70
C GLY B 178 -13.41 -2.55 -7.62
N SER B 179 -13.50 -1.33 -7.13
CA SER B 179 -12.57 -0.92 -6.05
C SER B 179 -12.67 -1.84 -4.82
N SER B 180 -13.84 -2.44 -4.59
CA SER B 180 -13.94 -3.47 -3.54
C SER B 180 -14.94 -4.58 -3.90
N SER B 181 -14.87 -5.07 -5.15
CA SER B 181 -15.81 -6.05 -5.64
C SER B 181 -15.28 -6.68 -6.89
N ASN B 182 -15.88 -7.81 -7.30
CA ASN B 182 -15.62 -8.32 -8.66
C ASN B 182 -16.76 -7.94 -9.57
N VAL B 183 -16.50 -7.92 -10.88
CA VAL B 183 -17.44 -7.41 -11.86
C VAL B 183 -17.83 -8.51 -12.87
N PHE B 184 -19.14 -8.67 -13.08
CA PHE B 184 -19.65 -9.67 -14.03
C PHE B 184 -20.50 -8.96 -15.06
N GLY B 185 -20.46 -9.44 -16.31
CA GLY B 185 -21.35 -8.95 -17.35
C GLY B 185 -22.14 -10.12 -17.93
N ILE B 186 -23.37 -9.87 -18.35
CA ILE B 186 -24.16 -10.91 -19.03
C ILE B 186 -24.56 -10.42 -20.41
N LYS B 187 -24.36 -11.27 -21.41
CA LYS B 187 -24.76 -10.95 -22.77
C LYS B 187 -25.28 -12.21 -23.44
N ASP B 188 -26.52 -12.17 -23.92
CA ASP B 188 -27.16 -13.33 -24.57
C ASP B 188 -27.09 -14.59 -23.70
N GLY B 189 -27.37 -14.40 -22.41
CA GLY B 189 -27.45 -15.51 -21.46
C GLY B 189 -26.15 -16.19 -21.14
N ILE B 190 -25.03 -15.54 -21.47
CA ILE B 190 -23.72 -16.04 -21.09
C ILE B 190 -23.11 -15.07 -20.06
N LEU B 191 -22.42 -15.64 -19.07
CA LEU B 191 -21.84 -14.86 -17.96
C LEU B 191 -20.34 -14.66 -18.21
N TYR B 192 -19.93 -13.40 -18.26
CA TYR B 192 -18.54 -13.04 -18.47
C TYR B 192 -17.91 -12.39 -17.24
N THR B 193 -16.67 -12.74 -16.98
CA THR B 193 -15.93 -12.07 -15.91
C THR B 193 -14.43 -12.19 -16.17
N HIS B 194 -13.65 -11.15 -15.78
CA HIS B 194 -12.18 -11.21 -15.95
C HIS B 194 -11.61 -12.48 -15.27
N PRO B 195 -10.65 -13.18 -15.93
CA PRO B 195 -10.05 -14.39 -15.33
C PRO B 195 -9.23 -14.08 -14.07
N ALA B 196 -9.01 -15.09 -13.24
CA ALA B 196 -8.37 -14.85 -11.96
C ALA B 196 -6.85 -14.87 -12.13
N ASN B 197 -6.27 -13.77 -12.59
CA ASN B 197 -4.80 -13.66 -12.64
C ASN B 197 -4.32 -12.54 -11.70
N ASN B 198 -3.11 -12.01 -11.93
CA ASN B 198 -2.53 -10.95 -11.09
CA ASN B 198 -2.55 -10.99 -11.04
C ASN B 198 -3.28 -9.62 -11.11
N MET B 199 -4.23 -9.48 -12.04
CA MET B 199 -4.96 -8.21 -12.24
CA MET B 199 -4.96 -8.20 -12.22
C MET B 199 -6.15 -8.04 -11.29
N ILE B 200 -6.61 -9.13 -10.68
CA ILE B 200 -7.83 -9.03 -9.82
C ILE B 200 -7.67 -9.89 -8.59
N LEU B 201 -8.49 -9.62 -7.59
CA LEU B 201 -8.62 -10.50 -6.46
C LEU B 201 -9.60 -11.64 -6.84
N LYS B 202 -9.25 -12.89 -6.58
CA LYS B 202 -10.18 -14.00 -6.87
C LYS B 202 -11.19 -14.04 -5.73
N GLY B 203 -12.28 -13.30 -5.89
CA GLY B 203 -13.28 -13.16 -4.84
C GLY B 203 -13.94 -14.47 -4.44
N ILE B 204 -14.25 -14.60 -3.16
CA ILE B 204 -15.01 -15.78 -2.69
C ILE B 204 -16.44 -15.70 -3.22
N THR B 205 -17.02 -14.50 -3.22
CA THR B 205 -18.37 -14.33 -3.73
C THR B 205 -18.40 -14.64 -5.24
N ARG B 206 -17.39 -14.19 -5.96
CA ARG B 206 -17.19 -14.51 -7.38
C ARG B 206 -17.25 -16.03 -7.63
N ASP B 207 -16.49 -16.78 -6.84
CA ASP B 207 -16.47 -18.23 -7.00
C ASP B 207 -17.82 -18.85 -6.67
N VAL B 208 -18.49 -18.36 -5.63
CA VAL B 208 -19.84 -18.83 -5.33
C VAL B 208 -20.81 -18.59 -6.51
N VAL B 209 -20.73 -17.40 -7.10
CA VAL B 209 -21.62 -17.02 -8.20
C VAL B 209 -21.36 -17.89 -9.42
N ILE B 210 -20.08 -18.20 -9.69
CA ILE B 210 -19.75 -19.11 -10.81
C ILE B 210 -20.32 -20.52 -10.55
N ALA B 211 -20.16 -21.02 -9.33
CA ALA B 211 -20.85 -22.26 -8.90
C ALA B 211 -22.37 -22.21 -9.10
N CYS B 212 -22.99 -21.08 -8.73
CA CYS B 212 -24.42 -20.90 -8.92
C CYS B 212 -24.81 -20.95 -10.41
N ALA B 213 -23.99 -20.33 -11.26
CA ALA B 213 -24.24 -20.32 -12.72
C ALA B 213 -24.22 -21.75 -13.25
N ASN B 214 -23.20 -22.51 -12.88
CA ASN B 214 -23.11 -23.94 -13.19
C ASN B 214 -24.37 -24.71 -12.77
N GLU B 215 -24.87 -24.42 -11.57
CA GLU B 215 -26.07 -25.10 -11.04
C GLU B 215 -27.36 -24.80 -11.81
N ILE B 216 -27.47 -23.58 -12.35
CA ILE B 216 -28.63 -23.22 -13.17
C ILE B 216 -28.37 -23.40 -14.69
N ASN B 217 -27.28 -24.07 -15.03
CA ASN B 217 -26.90 -24.39 -16.42
C ASN B 217 -26.72 -23.13 -17.28
N MET B 218 -26.06 -22.14 -16.71
CA MET B 218 -25.78 -20.90 -17.41
C MET B 218 -24.30 -20.95 -17.81
N PRO B 219 -24.00 -20.77 -19.11
CA PRO B 219 -22.61 -20.74 -19.56
C PRO B 219 -21.80 -19.58 -18.91
N VAL B 220 -20.54 -19.88 -18.57
CA VAL B 220 -19.61 -18.93 -17.94
C VAL B 220 -18.34 -18.92 -18.79
N LYS B 221 -17.95 -17.71 -19.20
CA LYS B 221 -16.72 -17.50 -19.91
C LYS B 221 -15.85 -16.53 -19.12
N GLU B 222 -14.70 -17.00 -18.65
CA GLU B 222 -13.77 -16.14 -17.94
C GLU B 222 -12.86 -15.43 -18.94
N ILE B 223 -13.44 -14.48 -19.65
CA ILE B 223 -12.69 -13.78 -20.65
C ILE B 223 -12.93 -12.29 -20.37
N PRO B 224 -11.87 -11.46 -20.42
CA PRO B 224 -12.10 -10.06 -20.06
C PRO B 224 -12.89 -9.27 -21.12
N PHE B 225 -13.56 -8.21 -20.69
CA PHE B 225 -14.25 -7.32 -21.61
C PHE B 225 -13.77 -5.90 -21.39
N THR B 226 -13.91 -5.07 -22.43
CA THR B 226 -13.52 -3.67 -22.39
C THR B 226 -14.64 -2.80 -21.83
N THR B 227 -14.33 -1.54 -21.54
CA THR B 227 -15.34 -0.57 -21.11
C THR B 227 -16.44 -0.42 -22.14
N HIS B 228 -16.06 -0.36 -23.43
CA HIS B 228 -17.04 -0.28 -24.53
C HIS B 228 -17.99 -1.48 -24.52
N GLU B 229 -17.45 -2.67 -24.34
CA GLU B 229 -18.25 -3.88 -24.28
C GLU B 229 -19.15 -3.95 -23.04
N ALA B 230 -18.62 -3.56 -21.87
CA ALA B 230 -19.43 -3.45 -20.64
C ALA B 230 -20.71 -2.65 -20.84
N LEU B 231 -20.60 -1.53 -21.56
CA LEU B 231 -21.76 -0.65 -21.76
C LEU B 231 -22.80 -1.31 -22.68
N LYS B 232 -22.39 -2.34 -23.39
CA LYS B 232 -23.29 -3.04 -24.30
C LYS B 232 -23.80 -4.38 -23.76
N MET B 233 -23.52 -4.65 -22.48
CA MET B 233 -23.99 -5.89 -21.87
C MET B 233 -25.51 -5.81 -21.68
N ASP B 234 -26.18 -6.96 -21.70
CA ASP B 234 -27.59 -7.03 -21.30
C ASP B 234 -27.75 -6.75 -19.80
N GLU B 235 -26.85 -7.32 -19.00
CA GLU B 235 -26.86 -7.10 -17.54
C GLU B 235 -25.44 -6.97 -17.01
N LEU B 236 -25.33 -6.32 -15.85
CA LEU B 236 -24.05 -6.10 -15.19
C LEU B 236 -24.30 -6.17 -13.67
N PHE B 237 -23.41 -6.84 -12.95
CA PHE B 237 -23.51 -6.80 -11.47
C PHE B 237 -22.12 -6.86 -10.84
N VAL B 238 -22.04 -6.48 -9.56
CA VAL B 238 -20.76 -6.59 -8.81
C VAL B 238 -21.00 -7.54 -7.63
N THR B 239 -19.93 -8.19 -7.18
CA THR B 239 -19.98 -9.16 -6.08
C THR B 239 -18.94 -8.84 -4.99
N SER B 240 -19.32 -9.03 -3.73
CA SER B 240 -18.36 -9.00 -2.64
C SER B 240 -19.03 -9.62 -1.44
N THR B 241 -18.22 -9.89 -0.44
CA THR B 241 -18.70 -10.48 0.78
C THR B 241 -19.85 -9.66 1.38
N THR B 242 -19.78 -8.31 1.36
CA THR B 242 -20.95 -7.57 1.87
CA THR B 242 -20.89 -7.48 1.86
C THR B 242 -21.97 -7.12 0.82
N SER B 243 -21.55 -6.92 -0.44
CA SER B 243 -22.48 -6.56 -1.51
C SER B 243 -23.32 -7.73 -2.06
N GLU B 244 -22.90 -8.96 -1.78
CA GLU B 244 -23.49 -10.16 -2.34
C GLU B 244 -23.53 -9.99 -3.87
N ILE B 245 -24.70 -10.09 -4.50
CA ILE B 245 -24.90 -9.82 -5.95
C ILE B 245 -25.65 -8.50 -6.09
N THR B 246 -24.90 -7.42 -6.25
CA THR B 246 -25.49 -6.08 -6.42
C THR B 246 -25.57 -5.71 -7.92
N PRO B 247 -26.80 -5.61 -8.47
CA PRO B 247 -26.94 -5.22 -9.87
C PRO B 247 -26.45 -3.78 -10.12
N VAL B 248 -25.79 -3.59 -11.27
CA VAL B 248 -25.36 -2.27 -11.69
C VAL B 248 -26.24 -1.91 -12.88
N ILE B 249 -26.96 -0.80 -12.78
CA ILE B 249 -27.98 -0.48 -13.79
C ILE B 249 -27.62 0.72 -14.64
N GLU B 250 -26.58 1.43 -14.25
CA GLU B 250 -26.12 2.61 -14.98
C GLU B 250 -24.63 2.78 -14.71
N ILE B 251 -23.88 3.14 -15.75
CA ILE B 251 -22.49 3.54 -15.58
C ILE B 251 -22.31 4.88 -16.24
N ASP B 252 -21.88 5.87 -15.45
CA ASP B 252 -21.59 7.23 -15.91
C ASP B 252 -22.73 7.78 -16.76
N GLY B 253 -23.95 7.66 -16.22
CA GLY B 253 -25.16 8.19 -16.87
C GLY B 253 -25.71 7.41 -18.03
N LYS B 254 -25.02 6.35 -18.44
CA LYS B 254 -25.44 5.43 -19.50
C LYS B 254 -26.10 4.20 -18.90
N LEU B 255 -27.35 3.93 -19.30
CA LEU B 255 -28.10 2.78 -18.79
CA LEU B 255 -28.09 2.78 -18.78
C LEU B 255 -27.60 1.45 -19.35
N ILE B 256 -27.57 0.44 -18.48
CA ILE B 256 -27.28 -0.90 -18.93
C ILE B 256 -28.62 -1.44 -19.40
N ARG B 257 -28.70 -1.72 -20.69
CA ARG B 257 -29.94 -2.03 -21.41
C ARG B 257 -31.01 -1.01 -21.04
N ASP B 258 -32.04 -1.45 -20.33
CA ASP B 258 -33.19 -0.62 -19.96
C ASP B 258 -33.09 0.04 -18.56
N GLY B 259 -31.96 -0.16 -17.88
CA GLY B 259 -31.78 0.38 -16.54
C GLY B 259 -32.55 -0.37 -15.48
N LYS B 260 -33.01 -1.57 -15.81
CA LYS B 260 -33.71 -2.42 -14.87
C LYS B 260 -32.84 -3.61 -14.54
N VAL B 261 -33.05 -4.21 -13.36
CA VAL B 261 -32.34 -5.44 -13.00
C VAL B 261 -32.80 -6.56 -13.94
N GLY B 262 -31.86 -7.27 -14.57
CA GLY B 262 -32.20 -8.28 -15.55
C GLY B 262 -32.58 -9.65 -15.00
N GLU B 263 -33.13 -10.49 -15.87
CA GLU B 263 -33.65 -11.80 -15.47
C GLU B 263 -32.60 -12.79 -15.02
N TRP B 264 -31.45 -12.79 -15.68
CA TRP B 264 -30.36 -13.66 -15.27
C TRP B 264 -29.73 -13.28 -13.93
N THR B 265 -29.61 -11.99 -13.65
CA THR B 265 -29.12 -11.51 -12.34
C THR B 265 -30.09 -11.96 -11.24
N ARG B 266 -31.40 -11.84 -11.48
CA ARG B 266 -32.39 -12.38 -10.53
C ARG B 266 -32.30 -13.87 -10.31
N LYS B 267 -32.12 -14.63 -11.39
CA LYS B 267 -31.92 -16.08 -11.24
C LYS B 267 -30.69 -16.41 -10.40
N LEU B 268 -29.60 -15.70 -10.65
CA LEU B 268 -28.40 -15.88 -9.82
C LEU B 268 -28.58 -15.45 -8.35
N GLN B 269 -29.27 -14.34 -8.11
CA GLN B 269 -29.59 -13.92 -6.76
C GLN B 269 -30.41 -14.97 -6.03
N LYS B 270 -31.37 -15.55 -6.72
CA LYS B 270 -32.17 -16.64 -6.17
C LYS B 270 -31.34 -17.86 -5.82
N GLN B 271 -30.45 -18.29 -6.72
CA GLN B 271 -29.55 -19.41 -6.47
C GLN B 271 -28.59 -19.15 -5.30
N PHE B 272 -28.09 -17.92 -5.23
CA PHE B 272 -27.20 -17.50 -4.15
C PHE B 272 -27.92 -17.59 -2.78
N GLU B 273 -29.20 -17.20 -2.77
CA GLU B 273 -30.01 -17.19 -1.56
C GLU B 273 -30.09 -18.56 -0.91
N THR B 274 -30.06 -19.62 -1.73
CA THR B 274 -30.06 -21.01 -1.22
C THR B 274 -28.78 -21.38 -0.47
N LYS B 275 -27.70 -20.62 -0.63
CA LYS B 275 -26.41 -20.96 0.00
C LYS B 275 -26.20 -20.30 1.36
N ILE B 276 -26.96 -19.26 1.65
CA ILE B 276 -26.71 -18.55 2.89
CA ILE B 276 -26.87 -18.45 2.88
C ILE B 276 -27.30 -19.24 4.12
N PRO B 277 -26.63 -19.06 5.29
CA PRO B 277 -27.14 -19.67 6.52
C PRO B 277 -28.52 -19.16 6.89
N LYS B 278 -29.47 -20.07 7.05
CA LYS B 278 -30.83 -19.71 7.52
C LYS B 278 -31.27 -20.58 8.72
N PRO B 279 -31.07 -20.07 9.95
CA PRO B 279 -31.68 -20.62 11.17
C PRO B 279 -33.01 -19.90 11.52
N LEU B 280 -34.14 -20.46 11.08
CA LEU B 280 -35.46 -19.76 11.13
C LEU B 280 -36.11 -19.66 12.53
#